data_5VH5
#
_entry.id   5VH5
#
_cell.length_a   50.160
_cell.length_b   148.030
_cell.length_c   75.900
_cell.angle_alpha   90.000
_cell.angle_beta   90.000
_cell.angle_gamma   90.000
#
_symmetry.space_group_name_H-M   'C 2 2 21'
#
loop_
_entity.id
_entity.type
_entity.pdbx_description
1 polymer 'Infliximab Fc'
2 branched beta-D-galactopyranose-(1-4)-2-acetamido-2-deoxy-beta-D-glucopyranose-(1-2)-alpha-D-mannopyranose-(1-6)-[alpha-D-mannopyranose-(1-3)]beta-D-mannopyranose-(1-4)-2-acetamido-2-deoxy-beta-D-glucopyranose-(1-4)-[beta-L-fucopyranose-(1-6)]2-acetamido-2-deoxy-beta-D-glucopyranose
3 non-polymer 'ZINC ION'
4 non-polymer 'ACETATE ION'
5 water water
#
_entity_poly.entity_id   1
_entity_poly.type   'polypeptide(L)'
_entity_poly.pdbx_seq_one_letter_code
;MKKTAIAIAVALAGFATVAQADVESKSCDKTHTCPPCPAPELLGGPSVFLFPPKPKDTLMISRTPEVTCVVVDVSHEDPE
VKFNWYVDGVEVHNAKTKPREEQYNSTYRVVSVLTVLHQDWLNGKEYKCKVSNKALPAPIEKTISKAKGQPREPQVYTLP
PSRDELTKNQVSLTCLVKGFYPSDIAVEWESNGQPENNYKTTPPVLDSDGSFFLYSKLTVDKSRWQQGNVFSCSVMHEAL
HNHYTQKSLSLSPGK
;
_entity_poly.pdbx_strand_id   A
#
# COMPACT_ATOMS: atom_id res chain seq x y z
N PRO A 46 -3.39 -5.87 27.81
CA PRO A 46 -3.54 -4.76 26.88
C PRO A 46 -2.38 -4.71 25.88
N SER A 47 -2.69 -4.82 24.59
CA SER A 47 -1.68 -4.78 23.53
C SER A 47 -2.09 -3.73 22.50
N VAL A 48 -1.09 -3.14 21.85
CA VAL A 48 -1.32 -2.06 20.89
C VAL A 48 -0.79 -2.51 19.53
N PHE A 49 -1.54 -2.18 18.48
CA PHE A 49 -1.12 -2.43 17.11
C PHE A 49 -1.27 -1.14 16.31
N LEU A 50 -0.26 -0.80 15.53
CA LEU A 50 -0.23 0.46 14.82
C LEU A 50 -0.11 0.14 13.35
N PHE A 51 -1.10 0.57 12.55
CA PHE A 51 -1.19 0.18 11.14
C PHE A 51 -0.91 1.35 10.21
N PRO A 52 -0.22 1.10 9.09
CA PRO A 52 0.07 2.16 8.14
C PRO A 52 -1.11 2.46 7.25
N PRO A 53 -1.05 3.52 6.47
CA PRO A 53 -2.12 3.79 5.51
C PRO A 53 -2.11 2.77 4.39
N LYS A 54 -3.24 2.70 3.70
CA LYS A 54 -3.30 1.94 2.46
C LYS A 54 -2.26 2.48 1.48
N PRO A 55 -1.42 1.62 0.90
CA PRO A 55 -0.37 2.12 -0.01
C PRO A 55 -0.87 3.03 -1.12
N LYS A 56 -1.97 2.70 -1.79
CA LYS A 56 -2.49 3.59 -2.83
C LYS A 56 -2.86 4.95 -2.26
N ASP A 57 -3.33 4.97 -1.01
CA ASP A 57 -3.72 6.23 -0.38
C ASP A 57 -2.54 7.15 -0.17
N THR A 58 -1.32 6.61 -0.13
CA THR A 58 -0.15 7.46 0.03
C THR A 58 0.39 7.98 -1.28
N LEU A 59 -0.03 7.41 -2.39
CA LEU A 59 0.57 7.72 -3.68
C LEU A 59 -0.30 8.62 -4.56
N MET A 60 -1.50 8.93 -4.11
CA MET A 60 -2.42 9.76 -4.88
C MET A 60 -2.79 10.94 -4.00
N ILE A 61 -2.35 12.14 -4.43
CA ILE A 61 -2.53 13.34 -3.63
C ILE A 61 -4.00 13.61 -3.34
N SER A 62 -4.89 13.11 -4.19
CA SER A 62 -6.31 13.30 -3.97
C SER A 62 -6.86 12.49 -2.80
N ARG A 63 -6.12 11.49 -2.31
CA ARG A 63 -6.63 10.63 -1.25
C ARG A 63 -6.16 11.09 0.12
N THR A 64 -6.68 10.42 1.15
CA THR A 64 -6.44 10.79 2.55
C THR A 64 -5.80 9.63 3.30
N PRO A 65 -4.47 9.53 3.31
CA PRO A 65 -3.84 8.48 4.09
C PRO A 65 -4.00 8.71 5.58
N GLU A 66 -4.12 7.62 6.32
CA GLU A 66 -4.28 7.71 7.76
C GLU A 66 -3.57 6.53 8.41
N VAL A 67 -3.06 6.77 9.60
CA VAL A 67 -2.45 5.73 10.44
C VAL A 67 -3.47 5.34 11.52
N THR A 68 -3.54 4.04 11.84
CA THR A 68 -4.58 3.51 12.73
C THR A 68 -3.95 2.83 13.93
N CYS A 69 -4.28 3.31 15.14
CA CYS A 69 -3.76 2.74 16.37
C CYS A 69 -4.89 1.99 17.07
N VAL A 70 -4.66 0.70 17.33
CA VAL A 70 -5.68 -0.19 17.89
C VAL A 70 -5.16 -0.75 19.20
N VAL A 71 -5.96 -0.65 20.26
CA VAL A 71 -5.64 -1.26 21.54
C VAL A 71 -6.67 -2.34 21.81
N VAL A 72 -6.20 -3.54 22.13
CA VAL A 72 -7.04 -4.69 22.43
C VAL A 72 -6.72 -5.17 23.84
N ASP A 73 -7.54 -6.10 24.33
CA ASP A 73 -7.41 -6.64 25.67
C ASP A 73 -7.49 -5.55 26.73
N VAL A 74 -8.25 -4.50 26.44
CA VAL A 74 -8.61 -3.53 27.46
C VAL A 74 -9.58 -4.22 28.40
N SER A 75 -9.22 -4.31 29.68
CA SER A 75 -10.08 -4.94 30.66
C SER A 75 -11.25 -4.02 30.97
N HIS A 76 -12.47 -4.46 30.66
CA HIS A 76 -13.62 -3.59 30.87
C HIS A 76 -14.04 -3.57 32.34
N GLU A 77 -13.09 -3.84 33.22
CA GLU A 77 -13.17 -3.40 34.60
C GLU A 77 -12.55 -2.01 34.75
N ASP A 78 -11.32 -1.84 34.26
CA ASP A 78 -10.65 -0.54 34.18
C ASP A 78 -10.43 -0.17 32.71
N PRO A 79 -11.47 0.30 32.01
CA PRO A 79 -11.34 0.47 30.56
C PRO A 79 -11.01 1.89 30.14
N GLU A 80 -10.45 2.68 31.05
CA GLU A 80 -10.05 4.04 30.73
C GLU A 80 -8.80 4.00 29.86
N VAL A 81 -8.88 4.60 28.66
CA VAL A 81 -7.77 4.58 27.71
C VAL A 81 -7.55 5.99 27.17
N LYS A 82 -6.30 6.44 27.20
CA LYS A 82 -5.91 7.73 26.66
C LYS A 82 -4.87 7.53 25.56
N PHE A 83 -5.09 8.17 24.42
CA PHE A 83 -4.14 8.18 23.31
C PHE A 83 -3.40 9.50 23.28
N ASN A 84 -2.08 9.46 23.14
CA ASN A 84 -1.29 10.60 22.72
C ASN A 84 -0.63 10.27 21.39
N TRP A 85 -0.60 11.23 20.47
CA TRP A 85 0.03 11.05 19.16
C TRP A 85 1.16 12.05 19.00
N TYR A 86 2.24 11.61 18.35
CA TYR A 86 3.39 12.47 18.11
C TYR A 86 3.87 12.28 16.69
N VAL A 87 4.25 13.38 16.04
CA VAL A 87 4.85 13.34 14.71
C VAL A 87 6.28 13.84 14.86
N ASP A 88 7.24 12.95 14.61
CA ASP A 88 8.66 13.18 14.88
C ASP A 88 8.88 13.69 16.31
N GLY A 89 8.16 13.09 17.26
CA GLY A 89 8.30 13.47 18.65
C GLY A 89 7.50 14.68 19.08
N VAL A 90 6.89 15.40 18.16
CA VAL A 90 6.08 16.57 18.51
C VAL A 90 4.65 16.13 18.67
N GLU A 91 4.04 16.43 19.81
CA GLU A 91 2.68 15.97 20.04
C GLU A 91 1.71 16.72 19.14
N VAL A 92 0.77 15.98 18.56
CA VAL A 92 -0.26 16.53 17.69
C VAL A 92 -1.62 16.13 18.26
N HIS A 93 -2.65 16.90 17.89
CA HIS A 93 -3.94 16.78 18.56
C HIS A 93 -5.12 16.58 17.63
N ASN A 94 -4.89 16.19 16.37
CA ASN A 94 -5.97 16.11 15.38
C ASN A 94 -6.42 14.68 15.12
N ALA A 95 -6.05 13.72 15.98
CA ALA A 95 -6.52 12.37 15.80
C ALA A 95 -8.02 12.29 16.10
N LYS A 96 -8.65 11.25 15.57
CA LYS A 96 -10.07 11.01 15.78
C LYS A 96 -10.21 9.64 16.45
N THR A 97 -10.54 9.63 17.74
CA THR A 97 -10.66 8.40 18.50
C THR A 97 -12.12 7.96 18.53
N LYS A 98 -12.35 6.69 18.31
CA LYS A 98 -13.69 6.14 18.28
C LYS A 98 -14.09 5.64 19.67
N PRO A 99 -15.38 5.54 19.93
CA PRO A 99 -15.83 4.97 21.21
C PRO A 99 -15.46 3.50 21.32
N ARG A 100 -15.15 3.07 22.55
CA ARG A 100 -14.78 1.69 22.80
C ARG A 100 -15.89 0.75 22.35
N GLU A 101 -15.49 -0.46 21.96
CA GLU A 101 -16.41 -1.51 21.54
C GLU A 101 -16.11 -2.76 22.35
N GLU A 102 -17.10 -3.29 23.04
CA GLU A 102 -16.87 -4.52 23.79
C GLU A 102 -16.72 -5.70 22.83
N GLN A 103 -15.78 -6.58 23.14
CA GLN A 103 -15.57 -7.79 22.36
C GLN A 103 -16.23 -8.98 23.06
N TYR A 104 -16.50 -10.02 22.27
CA TYR A 104 -17.20 -11.17 22.82
C TYR A 104 -16.39 -11.90 23.88
N ASN A 105 -15.08 -11.63 23.98
CA ASN A 105 -14.23 -12.27 24.97
C ASN A 105 -14.07 -11.44 26.23
N SER A 106 -15.04 -10.56 26.51
CA SER A 106 -15.07 -9.79 27.75
C SER A 106 -13.87 -8.85 27.87
N THR A 107 -13.45 -8.29 26.74
CA THR A 107 -12.44 -7.24 26.71
C THR A 107 -12.96 -6.10 25.84
N TYR A 108 -12.32 -4.94 25.97
CA TYR A 108 -12.63 -3.79 25.15
C TYR A 108 -11.58 -3.63 24.05
N ARG A 109 -11.98 -2.96 22.98
CA ARG A 109 -11.09 -2.61 21.88
C ARG A 109 -11.35 -1.15 21.52
N VAL A 110 -10.29 -0.34 21.43
CA VAL A 110 -10.43 1.07 21.14
C VAL A 110 -9.49 1.40 19.99
N VAL A 111 -9.97 2.25 19.08
CA VAL A 111 -9.23 2.62 17.87
C VAL A 111 -9.11 4.13 17.81
N SER A 112 -7.94 4.63 17.43
CA SER A 112 -7.74 6.03 17.15
C SER A 112 -7.09 6.17 15.78
N VAL A 113 -7.57 7.13 14.98
CA VAL A 113 -7.13 7.31 13.60
C VAL A 113 -6.50 8.68 13.45
N LEU A 114 -5.25 8.72 13.00
CA LEU A 114 -4.55 9.98 12.72
C LEU A 114 -4.39 10.13 11.22
N THR A 115 -4.94 11.20 10.66
CA THR A 115 -4.70 11.52 9.27
C THR A 115 -3.27 12.00 9.12
N VAL A 116 -2.62 11.57 8.03
CA VAL A 116 -1.25 11.98 7.76
C VAL A 116 -1.24 12.71 6.43
N LEU A 117 -0.37 13.72 6.33
CA LEU A 117 -0.21 14.45 5.09
C LEU A 117 0.58 13.63 4.08
N HIS A 118 0.12 13.67 2.82
CA HIS A 118 0.82 13.04 1.70
C HIS A 118 2.33 13.26 1.75
N GLN A 119 2.75 14.53 1.87
CA GLN A 119 4.19 14.80 1.82
C GLN A 119 4.89 14.36 3.09
N ASP A 120 4.21 14.44 4.23
CA ASP A 120 4.84 14.01 5.49
C ASP A 120 5.17 12.53 5.46
N TRP A 121 4.22 11.70 5.01
CA TRP A 121 4.47 10.27 4.93
C TRP A 121 5.61 9.96 3.97
N LEU A 122 5.59 10.54 2.77
CA LEU A 122 6.63 10.27 1.80
C LEU A 122 7.98 10.79 2.27
N ASN A 123 7.99 11.87 3.07
CA ASN A 123 9.24 12.43 3.56
C ASN A 123 9.75 11.74 4.82
N GLY A 124 9.13 10.62 5.20
CA GLY A 124 9.69 9.82 6.26
C GLY A 124 9.36 10.24 7.67
N LYS A 125 8.36 11.08 7.88
CA LYS A 125 8.03 11.44 9.26
C LYS A 125 7.60 10.19 10.02
N GLU A 126 7.87 10.21 11.33
CA GLU A 126 7.58 9.10 12.24
C GLU A 126 6.35 9.40 13.08
N TYR A 127 5.43 8.44 13.13
CA TYR A 127 4.18 8.58 13.85
C TYR A 127 4.17 7.65 15.05
N LYS A 128 4.07 8.23 16.24
CA LYS A 128 4.07 7.49 17.50
C LYS A 128 2.69 7.56 18.12
N CYS A 129 2.15 6.39 18.46
CA CYS A 129 0.90 6.27 19.20
C CYS A 129 1.25 5.81 20.60
N LYS A 130 0.87 6.59 21.61
CA LYS A 130 1.08 6.24 23.01
C LYS A 130 -0.26 5.94 23.65
N VAL A 131 -0.37 4.79 24.29
CA VAL A 131 -1.62 4.34 24.89
C VAL A 131 -1.40 4.24 26.40
N SER A 132 -2.19 4.97 27.15
CA SER A 132 -2.13 4.96 28.61
C SER A 132 -3.36 4.28 29.17
N ASN A 133 -3.16 3.54 30.27
CA ASN A 133 -4.23 2.82 30.94
C ASN A 133 -3.80 2.52 32.37
N LYS A 134 -4.72 2.67 33.31
CA LYS A 134 -4.39 2.53 34.73
C LYS A 134 -3.97 1.12 35.11
N ALA A 135 -4.11 0.14 34.22
CA ALA A 135 -3.72 -1.23 34.53
C ALA A 135 -2.31 -1.58 34.05
N LEU A 136 -1.63 -0.66 33.27
CA LEU A 136 -0.28 -1.03 32.84
C LEU A 136 0.77 -0.33 33.70
N PRO A 137 1.89 -1.01 33.99
CA PRO A 137 2.94 -0.36 34.79
C PRO A 137 3.54 0.85 34.11
N ALA A 138 3.37 0.97 32.80
CA ALA A 138 3.84 2.13 32.04
C ALA A 138 3.03 2.19 30.76
N PRO A 139 2.93 3.37 30.13
CA PRO A 139 2.24 3.47 28.85
C PRO A 139 2.92 2.62 27.78
N ILE A 140 2.12 2.22 26.79
CA ILE A 140 2.63 1.48 25.63
C ILE A 140 2.84 2.44 24.47
N GLU A 141 4.02 2.39 23.87
CA GLU A 141 4.36 3.22 22.73
C GLU A 141 4.61 2.32 21.52
N LYS A 142 4.11 2.75 20.36
CA LYS A 142 4.42 2.14 19.06
C LYS A 142 4.71 3.25 18.06
N THR A 143 5.73 3.06 17.23
CA THR A 143 6.07 4.03 16.22
C THR A 143 6.08 3.35 14.85
N ILE A 144 5.66 4.09 13.83
CA ILE A 144 5.72 3.58 12.47
CA ILE A 144 5.61 3.61 12.46
C ILE A 144 6.05 4.73 11.53
N SER A 145 6.59 4.36 10.37
CA SER A 145 6.88 5.29 9.29
C SER A 145 6.75 4.51 7.99
N LYS A 146 6.73 5.25 6.89
CA LYS A 146 6.92 4.63 5.59
C LYS A 146 8.17 3.76 5.60
N ALA A 147 8.16 2.69 4.81
CA ALA A 147 9.35 1.87 4.64
C ALA A 147 10.55 2.76 4.33
N LYS A 148 11.65 2.53 5.04
N LYS A 148 11.64 2.54 5.06
CA LYS A 148 12.83 3.36 4.91
CA LYS A 148 12.85 3.33 4.94
C LYS A 148 13.80 2.80 3.88
C LYS A 148 13.74 2.82 3.81
N GLY A 149 14.68 3.68 3.40
CA GLY A 149 15.71 3.28 2.46
C GLY A 149 15.75 4.20 1.26
N GLN A 150 16.89 4.30 0.60
CA GLN A 150 16.98 5.14 -0.59
C GLN A 150 15.96 4.67 -1.64
N PRO A 151 15.13 5.58 -2.18
CA PRO A 151 14.18 5.16 -3.21
C PRO A 151 14.84 4.89 -4.53
N ARG A 152 14.26 3.94 -5.27
CA ARG A 152 14.75 3.56 -6.59
CA ARG A 152 14.74 3.58 -6.60
C ARG A 152 13.54 3.47 -7.51
N GLU A 153 13.64 4.11 -8.69
CA GLU A 153 12.52 4.23 -9.61
C GLU A 153 12.30 2.93 -10.37
N PRO A 154 11.07 2.42 -10.45
CA PRO A 154 10.83 1.22 -11.25
C PRO A 154 11.02 1.47 -12.73
N GLN A 155 11.50 0.44 -13.40
CA GLN A 155 11.48 0.35 -14.85
C GLN A 155 10.28 -0.53 -15.21
N VAL A 156 9.45 -0.08 -16.14
CA VAL A 156 8.23 -0.81 -16.48
C VAL A 156 8.35 -1.30 -17.92
N TYR A 157 8.21 -2.61 -18.11
CA TYR A 157 8.38 -3.24 -19.42
C TYR A 157 7.17 -4.09 -19.74
N THR A 158 6.59 -3.92 -20.92
CA THR A 158 5.50 -4.80 -21.32
C THR A 158 6.00 -5.87 -22.30
N LEU A 159 5.49 -7.10 -22.12
CA LEU A 159 5.92 -8.25 -22.88
C LEU A 159 4.71 -8.90 -23.55
N PRO A 160 4.73 -9.09 -24.87
CA PRO A 160 3.58 -9.68 -25.54
C PRO A 160 3.44 -11.16 -25.22
N PRO A 161 2.37 -11.80 -25.67
CA PRO A 161 2.24 -13.25 -25.47
C PRO A 161 3.40 -14.00 -26.10
N SER A 162 3.79 -15.09 -25.46
CA SER A 162 4.71 -16.03 -26.08
C SER A 162 4.11 -16.56 -27.38
N ARG A 163 4.98 -16.84 -28.35
CA ARG A 163 4.50 -17.36 -29.63
C ARG A 163 3.72 -18.65 -29.45
N ASP A 164 4.20 -19.53 -28.55
CA ASP A 164 3.51 -20.79 -28.31
C ASP A 164 2.12 -20.58 -27.73
N GLU A 165 1.93 -19.52 -26.94
CA GLU A 165 0.61 -19.27 -26.37
C GLU A 165 -0.38 -18.77 -27.42
N LEU A 166 0.09 -18.26 -28.55
CA LEU A 166 -0.80 -17.66 -29.54
C LEU A 166 -1.80 -18.65 -30.13
N THR A 167 -1.62 -19.95 -29.87
CA THR A 167 -2.56 -20.96 -30.35
C THR A 167 -3.77 -21.11 -29.44
N LYS A 168 -3.69 -20.68 -28.18
CA LYS A 168 -4.77 -20.86 -27.23
C LYS A 168 -5.89 -19.85 -27.48
N ASN A 169 -7.00 -20.01 -26.75
CA ASN A 169 -8.13 -19.09 -26.91
C ASN A 169 -7.90 -17.77 -26.20
N GLN A 170 -7.20 -17.81 -25.07
CA GLN A 170 -6.82 -16.61 -24.34
C GLN A 170 -5.31 -16.53 -24.24
N VAL A 171 -4.79 -15.30 -24.17
CA VAL A 171 -3.35 -15.08 -24.16
C VAL A 171 -2.99 -14.23 -22.94
N SER A 172 -1.71 -14.29 -22.59
CA SER A 172 -1.19 -13.60 -21.42
C SER A 172 -0.41 -12.36 -21.85
N LEU A 173 -0.80 -11.20 -21.30
CA LEU A 173 -0.06 -9.97 -21.49
C LEU A 173 0.70 -9.68 -20.19
N THR A 174 2.01 -9.48 -20.31
CA THR A 174 2.90 -9.43 -19.15
C THR A 174 3.46 -8.03 -18.93
N CYS A 175 3.45 -7.60 -17.67
CA CYS A 175 4.05 -6.34 -17.29
C CYS A 175 5.13 -6.66 -16.27
N LEU A 176 6.38 -6.40 -16.63
CA LEU A 176 7.50 -6.55 -15.71
C LEU A 176 7.81 -5.19 -15.10
N VAL A 177 7.78 -5.11 -13.78
CA VAL A 177 8.17 -3.89 -13.08
C VAL A 177 9.40 -4.24 -12.26
N LYS A 178 10.53 -3.59 -12.53
CA LYS A 178 11.73 -4.01 -11.82
C LYS A 178 12.57 -2.83 -11.40
N GLY A 179 13.44 -3.10 -10.44
CA GLY A 179 14.37 -2.10 -9.97
C GLY A 179 13.82 -1.12 -8.97
N PHE A 180 12.70 -1.42 -8.32
CA PHE A 180 12.08 -0.42 -7.45
C PHE A 180 12.40 -0.64 -5.98
N TYR A 181 12.34 0.46 -5.25
CA TYR A 181 12.54 0.46 -3.80
C TYR A 181 11.88 1.71 -3.26
N PRO A 182 11.12 1.59 -2.15
CA PRO A 182 10.78 0.39 -1.39
C PRO A 182 9.74 -0.49 -2.11
N SER A 183 9.24 -1.53 -1.43
CA SER A 183 8.42 -2.50 -2.15
C SER A 183 6.95 -2.08 -2.32
N ASP A 184 6.50 -1.00 -1.68
CA ASP A 184 5.11 -0.56 -1.79
C ASP A 184 4.82 -0.17 -3.23
N ILE A 185 3.76 -0.73 -3.82
CA ILE A 185 3.49 -0.50 -5.23
C ILE A 185 2.05 -0.87 -5.53
N ALA A 186 1.51 -0.31 -6.60
CA ALA A 186 0.18 -0.65 -7.08
C ALA A 186 0.23 -0.81 -8.59
N VAL A 187 -0.42 -1.85 -9.10
CA VAL A 187 -0.41 -2.13 -10.53
C VAL A 187 -1.83 -2.45 -10.97
N GLU A 188 -2.30 -1.81 -12.04
CA GLU A 188 -3.59 -2.14 -12.60
C GLU A 188 -3.50 -2.06 -14.11
N TRP A 189 -4.54 -2.53 -14.79
CA TRP A 189 -4.53 -2.55 -16.25
C TRP A 189 -5.76 -1.81 -16.76
N GLU A 190 -5.60 -1.21 -17.94
CA GLU A 190 -6.64 -0.43 -18.60
C GLU A 190 -6.59 -0.69 -20.10
N SER A 191 -7.72 -0.45 -20.77
CA SER A 191 -7.74 -0.39 -22.23
C SER A 191 -8.90 0.50 -22.65
N ASN A 192 -8.62 1.42 -23.57
CA ASN A 192 -9.63 2.31 -24.15
C ASN A 192 -10.46 2.99 -23.06
N GLY A 193 -9.77 3.53 -22.06
CA GLY A 193 -10.42 4.30 -21.03
C GLY A 193 -11.32 3.51 -20.10
N GLN A 194 -11.07 2.22 -19.96
CA GLN A 194 -11.82 1.40 -19.02
C GLN A 194 -10.86 0.42 -18.35
N PRO A 195 -11.19 -0.01 -17.14
CA PRO A 195 -10.31 -0.98 -16.45
C PRO A 195 -10.40 -2.35 -17.11
N GLU A 196 -9.24 -3.00 -17.20
CA GLU A 196 -9.11 -4.39 -17.62
C GLU A 196 -8.77 -5.15 -16.35
N ASN A 197 -9.75 -5.87 -15.79
CA ASN A 197 -9.57 -6.37 -14.44
C ASN A 197 -9.28 -7.87 -14.39
N ASN A 198 -9.11 -8.52 -15.54
CA ASN A 198 -8.83 -9.95 -15.58
C ASN A 198 -7.32 -10.21 -15.45
N TYR A 199 -6.75 -9.71 -14.34
CA TYR A 199 -5.32 -9.79 -14.13
C TYR A 199 -5.00 -10.29 -12.72
N LYS A 200 -3.77 -10.79 -12.58
CA LYS A 200 -3.21 -11.15 -11.29
C LYS A 200 -1.79 -10.64 -11.27
N THR A 201 -1.31 -10.19 -10.11
CA THR A 201 0.02 -9.62 -10.00
C THR A 201 0.77 -10.36 -8.91
N THR A 202 2.03 -10.69 -9.17
CA THR A 202 2.82 -11.37 -8.13
C THR A 202 3.16 -10.38 -7.02
N PRO A 203 3.45 -10.89 -5.84
CA PRO A 203 4.06 -10.03 -4.82
C PRO A 203 5.40 -9.51 -5.30
N PRO A 204 5.89 -8.42 -4.71
CA PRO A 204 7.25 -7.98 -4.99
C PRO A 204 8.23 -9.06 -4.52
N VAL A 205 9.29 -9.22 -5.28
CA VAL A 205 10.34 -10.19 -4.98
C VAL A 205 11.65 -9.44 -4.85
N LEU A 206 12.41 -9.75 -3.79
CA LEU A 206 13.70 -9.09 -3.60
C LEU A 206 14.71 -9.59 -4.63
N ASP A 207 15.27 -8.67 -5.43
CA ASP A 207 16.21 -9.02 -6.49
C ASP A 207 17.62 -9.01 -5.91
N SER A 208 18.58 -9.45 -6.72
CA SER A 208 19.92 -9.67 -6.18
C SER A 208 20.64 -8.36 -5.87
N ASP A 209 20.20 -7.25 -6.47
CA ASP A 209 20.80 -5.93 -6.20
C ASP A 209 20.10 -5.16 -5.09
N GLY A 210 19.17 -5.78 -4.37
CA GLY A 210 18.51 -5.15 -3.25
C GLY A 210 17.26 -4.38 -3.61
N SER A 211 16.98 -4.21 -4.89
CA SER A 211 15.71 -3.66 -5.35
C SER A 211 14.69 -4.79 -5.42
N PHE A 212 13.45 -4.43 -5.76
CA PHE A 212 12.36 -5.38 -5.94
C PHE A 212 11.92 -5.45 -7.39
N PHE A 213 11.36 -6.61 -7.77
CA PHE A 213 10.64 -6.69 -9.04
C PHE A 213 9.34 -7.43 -8.81
N LEU A 214 8.42 -7.27 -9.77
CA LEU A 214 7.25 -8.14 -9.84
C LEU A 214 6.83 -8.32 -11.29
N TYR A 215 5.86 -9.20 -11.49
CA TYR A 215 5.20 -9.33 -12.79
C TYR A 215 3.70 -9.24 -12.61
N SER A 216 3.02 -8.61 -13.56
CA SER A 216 1.57 -8.64 -13.61
C SER A 216 1.14 -9.31 -14.92
N LYS A 217 0.13 -10.20 -14.82
CA LYS A 217 -0.37 -10.98 -15.94
C LYS A 217 -1.83 -10.63 -16.21
N LEU A 218 -2.10 -10.02 -17.36
CA LEU A 218 -3.46 -9.75 -17.82
C LEU A 218 -3.81 -10.77 -18.89
N THR A 219 -4.95 -11.47 -18.70
CA THR A 219 -5.41 -12.49 -19.62
C THR A 219 -6.52 -11.90 -20.48
N VAL A 220 -6.36 -11.97 -21.80
CA VAL A 220 -7.36 -11.45 -22.74
C VAL A 220 -7.64 -12.49 -23.82
N ASP A 221 -8.84 -12.41 -24.40
CA ASP A 221 -9.17 -13.21 -25.57
C ASP A 221 -8.16 -12.94 -26.68
N LYS A 222 -7.68 -14.03 -27.29
CA LYS A 222 -6.75 -13.89 -28.42
C LYS A 222 -7.29 -12.96 -29.49
N SER A 223 -8.61 -12.97 -29.70
CA SER A 223 -9.23 -12.11 -30.71
C SER A 223 -8.99 -10.64 -30.40
N ARG A 224 -9.01 -10.26 -29.12
CA ARG A 224 -8.77 -8.86 -28.78
C ARG A 224 -7.32 -8.47 -29.02
N TRP A 225 -6.39 -9.41 -28.77
CA TRP A 225 -4.99 -9.17 -29.07
C TRP A 225 -4.77 -9.05 -30.57
N GLN A 226 -5.34 -9.98 -31.36
CA GLN A 226 -5.17 -9.95 -32.81
C GLN A 226 -5.83 -8.73 -33.43
N GLN A 227 -6.98 -8.32 -32.88
CA GLN A 227 -7.67 -7.14 -33.36
C GLN A 227 -6.85 -5.87 -33.19
N GLY A 228 -5.89 -5.86 -32.28
CA GLY A 228 -4.98 -4.74 -32.15
C GLY A 228 -5.32 -3.74 -31.07
N ASN A 229 -6.16 -4.11 -30.11
CA ASN A 229 -6.48 -3.21 -29.01
C ASN A 229 -5.21 -2.85 -28.24
N VAL A 230 -5.21 -1.66 -27.67
CA VAL A 230 -4.07 -1.16 -26.89
C VAL A 230 -4.38 -1.40 -25.42
N PHE A 231 -3.49 -2.15 -24.75
CA PHE A 231 -3.61 -2.43 -23.32
C PHE A 231 -2.49 -1.68 -22.61
N SER A 232 -2.80 -1.21 -21.41
CA SER A 232 -1.86 -0.36 -20.67
C SER A 232 -1.63 -0.92 -19.27
N CYS A 233 -0.35 -1.10 -18.93
CA CYS A 233 0.05 -1.43 -17.57
C CYS A 233 0.30 -0.12 -16.82
N SER A 234 -0.45 0.09 -15.74
CA SER A 234 -0.47 1.35 -15.00
C SER A 234 0.12 1.11 -13.61
N VAL A 235 1.18 1.85 -13.26
CA VAL A 235 2.00 1.56 -12.09
C VAL A 235 2.06 2.80 -11.20
N MET A 236 1.85 2.60 -9.90
CA MET A 236 2.03 3.66 -8.91
C MET A 236 3.12 3.27 -7.93
N HIS A 237 4.10 4.16 -7.76
CA HIS A 237 5.24 3.92 -6.88
C HIS A 237 5.79 5.28 -6.50
N GLU A 238 6.31 5.38 -5.27
CA GLU A 238 6.68 6.71 -4.80
C GLU A 238 7.71 7.37 -5.71
N ALA A 239 8.59 6.59 -6.32
CA ALA A 239 9.76 7.17 -7.00
C ALA A 239 9.52 7.47 -8.47
N LEU A 240 8.31 7.26 -8.97
CA LEU A 240 7.96 7.71 -10.29
C LEU A 240 7.55 9.18 -10.24
N HIS A 241 7.69 9.85 -11.37
CA HIS A 241 7.24 11.23 -11.46
C HIS A 241 5.74 11.30 -11.16
N ASN A 242 5.35 12.12 -10.17
CA ASN A 242 3.96 12.14 -9.70
C ASN A 242 3.49 10.78 -9.23
N HIS A 243 4.44 9.89 -8.93
CA HIS A 243 4.19 8.55 -8.41
C HIS A 243 3.41 7.68 -9.37
N TYR A 244 3.52 7.94 -10.67
CA TYR A 244 2.66 7.26 -11.63
C TYR A 244 3.39 7.11 -12.95
N THR A 245 3.23 5.95 -13.57
CA THR A 245 3.62 5.79 -14.96
C THR A 245 2.72 4.75 -15.61
N GLN A 246 2.68 4.76 -16.93
CA GLN A 246 1.98 3.69 -17.63
C GLN A 246 2.75 3.33 -18.90
N LYS A 247 2.66 2.08 -19.28
CA LYS A 247 3.30 1.56 -20.47
C LYS A 247 2.26 0.75 -21.22
N SER A 248 2.24 0.91 -22.53
CA SER A 248 1.23 0.34 -23.39
CA SER A 248 1.21 0.30 -23.35
C SER A 248 1.74 -0.94 -24.06
N LEU A 249 0.80 -1.77 -24.49
CA LEU A 249 1.09 -3.04 -25.13
C LEU A 249 0.05 -3.25 -26.22
N SER A 250 0.52 -3.57 -27.43
CA SER A 250 -0.37 -3.82 -28.56
C SER A 250 0.36 -4.66 -29.59
N LEU A 251 -0.41 -5.33 -30.44
CA LEU A 251 0.15 -6.20 -31.46
C LEU A 251 1.07 -5.43 -32.40
N SER A 252 2.30 -5.93 -32.56
CA SER A 252 3.31 -5.24 -33.38
C SER A 252 4.49 -6.16 -33.67
#